data_9M4T
#
_entry.id   9M4T
#
_cell.length_a   1.00
_cell.length_b   1.00
_cell.length_c   1.00
_cell.angle_alpha   90.00
_cell.angle_beta   90.00
_cell.angle_gamma   90.00
#
_symmetry.space_group_name_H-M   'P 1'
#
loop_
_entity.id
_entity.type
_entity.pdbx_description
1 polymer 'Alpha-1A adrenergic receptor'
2 non-polymer Silodosin
#
_entity_poly.entity_id   1
_entity_poly.type   'polypeptide(L)'
_entity_poly.pdbx_seq_one_letter_code
;APVNISKAILLGVILGGLILFGVLGNILVILSVACHRHLHSVTHYYIVNLAVADLLLTSTVLPFSAIFEVLGYWAFGRVF
CNIWAAVDVLCCTASIMGLCIISIDRYIGVSYPLRYPTIVTQRRGLMALLCVWALSLVISIGPLFGWRQPAPEDETICQI
NEEPGYVLFSALGSFYLPLAIILVMYCRVYVVAKRESRGLKSGLKTDKSDSEQVTLRIHRKNAPAGGSGMASAKTKTHFS
VRLLKFSREKKAAKTLGIVVGCFVLCWLPFFLVMPIGSFFPDFKPSETVFKIVFWLGYLNSCINPIIYPCSSQEFKKAFQ
NVL
;
_entity_poly.pdbx_strand_id   A
#
# COMPACT_ATOMS: atom_id res chain seq x y z
N ALA A 1 9.96 31.34 3.33
CA ALA A 1 9.76 31.34 1.85
C ALA A 1 8.32 31.01 1.49
N PRO A 2 7.43 31.99 1.59
CA PRO A 2 6.02 31.73 1.25
C PRO A 2 5.80 31.54 -0.24
N VAL A 3 5.53 30.31 -0.66
CA VAL A 3 5.32 30.02 -2.07
C VAL A 3 4.07 30.75 -2.55
N ASN A 4 4.12 31.23 -3.80
CA ASN A 4 2.98 31.94 -4.36
C ASN A 4 1.75 31.04 -4.38
N ILE A 5 0.62 31.60 -3.92
CA ILE A 5 -0.63 30.84 -3.90
C ILE A 5 -1.06 30.50 -5.33
N SER A 6 -0.95 31.46 -6.25
CA SER A 6 -1.40 31.23 -7.61
C SER A 6 -0.58 30.12 -8.28
N LYS A 7 0.74 30.12 -8.07
CA LYS A 7 1.57 29.10 -8.71
C LYS A 7 1.24 27.71 -8.17
N ALA A 8 1.06 27.59 -6.85
CA ALA A 8 0.86 26.29 -6.21
C ALA A 8 -0.60 25.85 -6.19
N ILE A 9 -1.51 26.69 -6.67
CA ILE A 9 -2.93 26.31 -6.65
C ILE A 9 -3.16 25.13 -7.58
N LEU A 10 -2.46 25.10 -8.72
CA LEU A 10 -2.61 23.97 -9.63
C LEU A 10 -2.17 22.67 -8.98
N LEU A 11 -1.01 22.69 -8.31
CA LEU A 11 -0.54 21.50 -7.62
C LEU A 11 -1.50 21.09 -6.52
N GLY A 12 -2.00 22.05 -5.74
CA GLY A 12 -2.93 21.72 -4.68
C GLY A 12 -4.21 21.10 -5.21
N VAL A 13 -4.76 21.66 -6.29
CA VAL A 13 -5.98 21.11 -6.87
C VAL A 13 -5.72 19.71 -7.41
N ILE A 14 -4.57 19.50 -8.08
CA ILE A 14 -4.27 18.19 -8.62
C ILE A 14 -4.19 17.16 -7.50
N LEU A 15 -3.47 17.50 -6.43
CA LEU A 15 -3.33 16.56 -5.32
C LEU A 15 -4.67 16.29 -4.65
N GLY A 16 -5.49 17.33 -4.47
CA GLY A 16 -6.80 17.12 -3.87
C GLY A 16 -7.68 16.23 -4.72
N GLY A 17 -7.67 16.45 -6.04
CA GLY A 17 -8.45 15.60 -6.92
C GLY A 17 -7.99 14.16 -6.88
N LEU A 18 -6.67 13.95 -6.87
CA LEU A 18 -6.15 12.59 -6.79
C LEU A 18 -6.56 11.93 -5.48
N ILE A 19 -6.48 12.67 -4.37
CA ILE A 19 -6.86 12.11 -3.08
C ILE A 19 -8.33 11.74 -3.06
N LEU A 20 -9.18 12.63 -3.58
CA LEU A 20 -10.62 12.32 -3.61
C LEU A 20 -10.91 11.12 -4.51
N PHE A 21 -10.24 11.04 -5.66
CA PHE A 21 -10.44 9.89 -6.53
C PHE A 21 -10.05 8.59 -5.82
N GLY A 22 -8.88 8.60 -5.17
CA GLY A 22 -8.45 7.40 -4.46
C GLY A 22 -9.41 7.03 -3.35
N VAL A 23 -9.87 8.02 -2.59
CA VAL A 23 -10.79 7.74 -1.48
C VAL A 23 -12.10 7.15 -2.01
N LEU A 24 -12.66 7.77 -3.04
CA LEU A 24 -13.92 7.26 -3.58
C LEU A 24 -13.74 5.85 -4.13
N GLY A 25 -12.64 5.60 -4.83
CA GLY A 25 -12.39 4.25 -5.31
C GLY A 25 -12.27 3.25 -4.17
N ASN A 26 -11.62 3.64 -3.08
CA ASN A 26 -11.45 2.73 -1.96
C ASN A 26 -12.76 2.44 -1.24
N ILE A 27 -13.60 3.45 -1.02
CA ILE A 27 -14.93 3.15 -0.48
C ILE A 27 -15.72 2.29 -1.45
N LEU A 28 -15.58 2.51 -2.77
CA LEU A 28 -16.32 1.69 -3.71
C LEU A 28 -15.90 0.23 -3.64
N VAL A 29 -14.60 -0.02 -3.53
CA VAL A 29 -14.08 -1.37 -3.45
C VAL A 29 -14.58 -2.12 -2.22
N ILE A 30 -14.82 -1.42 -1.12
CA ILE A 30 -15.29 -2.05 0.11
C ILE A 30 -16.80 -2.22 0.05
N LEU A 31 -17.48 -1.21 -0.50
CA LEU A 31 -18.94 -1.25 -0.58
C LEU A 31 -19.41 -2.35 -1.51
N SER A 32 -18.68 -2.57 -2.61
CA SER A 32 -19.06 -3.64 -3.53
C SER A 32 -19.03 -4.99 -2.83
N VAL A 33 -17.98 -5.24 -2.05
CA VAL A 33 -17.89 -6.51 -1.32
C VAL A 33 -18.97 -6.59 -0.25
N ALA A 34 -19.17 -5.51 0.51
CA ALA A 34 -20.09 -5.56 1.63
C ALA A 34 -21.53 -5.75 1.16
N CYS A 35 -21.98 -4.93 0.21
CA CYS A 35 -23.37 -4.99 -0.21
C CYS A 35 -23.69 -6.34 -0.86
N HIS A 36 -22.78 -6.85 -1.68
CA HIS A 36 -23.00 -8.10 -2.40
C HIS A 36 -22.53 -9.27 -1.55
N ARG A 37 -23.46 -10.13 -1.16
CA ARG A 37 -23.15 -11.36 -0.45
C ARG A 37 -22.83 -12.50 -1.40
N HIS A 38 -22.79 -12.24 -2.70
CA HIS A 38 -22.27 -13.19 -3.67
C HIS A 38 -20.78 -13.03 -3.92
N LEU A 39 -20.14 -12.07 -3.25
CA LEU A 39 -18.76 -11.71 -3.54
C LEU A 39 -17.93 -11.60 -2.26
N HIS A 40 -18.22 -12.45 -1.28
CA HIS A 40 -17.44 -12.47 -0.03
C HIS A 40 -16.72 -13.81 0.07
N SER A 41 -15.45 -13.74 0.46
CA SER A 41 -14.59 -14.91 0.61
C SER A 41 -13.28 -14.42 1.22
N VAL A 42 -12.42 -15.38 1.56
CA VAL A 42 -11.17 -15.01 2.24
C VAL A 42 -10.37 -14.04 1.37
N THR A 43 -10.23 -14.33 0.09
CA THR A 43 -9.50 -13.42 -0.79
C THR A 43 -10.23 -12.09 -0.92
N HIS A 44 -11.56 -12.12 -0.99
CA HIS A 44 -12.31 -10.87 -1.07
C HIS A 44 -12.17 -10.07 0.23
N TYR A 45 -12.16 -10.75 1.37
CA TYR A 45 -11.88 -10.05 2.61
C TYR A 45 -10.48 -9.46 2.63
N TYR A 46 -9.50 -10.14 2.04
CA TYR A 46 -8.16 -9.57 1.96
C TYR A 46 -8.12 -8.36 1.02
N ILE A 47 -8.89 -8.41 -0.07
CA ILE A 47 -9.00 -7.25 -0.94
C ILE A 47 -9.62 -6.08 -0.18
N VAL A 48 -10.64 -6.36 0.63
CA VAL A 48 -11.22 -5.31 1.47
C VAL A 48 -10.20 -4.79 2.46
N ASN A 49 -9.34 -5.67 2.99
CA ASN A 49 -8.26 -5.24 3.86
C ASN A 49 -7.33 -4.28 3.15
N LEU A 50 -6.95 -4.60 1.92
CA LEU A 50 -6.10 -3.71 1.15
C LEU A 50 -6.80 -2.38 0.88
N ALA A 51 -8.10 -2.44 0.61
CA ALA A 51 -8.88 -1.22 0.40
C ALA A 51 -8.88 -0.36 1.66
N VAL A 52 -9.00 -0.99 2.83
CA VAL A 52 -8.98 -0.24 4.08
C VAL A 52 -7.60 0.37 4.32
N ALA A 53 -6.54 -0.36 3.97
CA ALA A 53 -5.20 0.21 4.07
C ALA A 53 -5.06 1.43 3.17
N ASP A 54 -5.58 1.34 1.94
CA ASP A 54 -5.54 2.49 1.04
C ASP A 54 -6.38 3.64 1.59
N LEU A 55 -7.53 3.32 2.21
CA LEU A 55 -8.33 4.35 2.84
C LEU A 55 -7.57 5.06 3.95
N LEU A 56 -6.87 4.30 4.78
CA LEU A 56 -6.08 4.90 5.85
C LEU A 56 -4.99 5.80 5.27
N LEU A 57 -4.36 5.35 4.18
CA LEU A 57 -3.36 6.18 3.51
C LEU A 57 -3.97 7.47 2.95
N THR A 58 -5.15 7.38 2.35
CA THR A 58 -5.72 8.49 1.60
C THR A 58 -6.64 9.37 2.42
N SER A 59 -6.88 9.04 3.69
CA SER A 59 -7.74 9.83 4.55
C SER A 59 -7.03 10.46 5.73
N THR A 60 -5.81 10.00 6.06
CA THR A 60 -5.09 10.53 7.22
C THR A 60 -3.67 10.91 6.85
N VAL A 61 -3.14 10.33 5.77
CA VAL A 61 -1.76 10.57 5.37
C VAL A 61 -1.68 11.51 4.17
N LEU A 62 -2.44 11.22 3.10
CA LEU A 62 -2.30 12.03 1.91
C LEU A 62 -2.65 13.48 2.23
N PRO A 63 -3.88 13.79 2.67
CA PRO A 63 -4.24 15.20 2.86
C PRO A 63 -3.16 16.01 3.57
N PHE A 64 -2.67 15.47 4.69
CA PHE A 64 -1.64 16.17 5.46
C PHE A 64 -0.35 16.28 4.66
N SER A 65 0.05 15.22 3.95
CA SER A 65 1.28 15.28 3.17
C SER A 65 1.18 16.30 2.06
N ALA A 66 0.04 16.34 1.37
CA ALA A 66 -0.16 17.33 0.31
C ALA A 66 -0.14 18.74 0.87
N ILE A 67 -0.76 18.95 2.03
CA ILE A 67 -0.72 20.26 2.67
C ILE A 67 0.72 20.64 2.99
N PHE A 68 1.49 19.70 3.54
CA PHE A 68 2.89 19.98 3.85
C PHE A 68 3.67 20.33 2.60
N GLU A 69 3.42 19.60 1.50
CA GLU A 69 4.14 19.85 0.26
C GLU A 69 3.81 21.23 -0.30
N VAL A 70 2.53 21.55 -0.42
CA VAL A 70 2.14 22.84 -1.01
C VAL A 70 2.61 23.98 -0.13
N LEU A 71 2.39 23.89 1.18
CA LEU A 71 2.89 24.92 2.09
C LEU A 71 4.42 24.90 2.15
N GLY A 72 5.02 23.72 2.14
CA GLY A 72 6.45 23.59 2.26
C GLY A 72 6.96 23.54 3.68
N TYR A 73 6.09 23.69 4.68
CA TYR A 73 6.48 23.65 6.07
C TYR A 73 5.36 22.99 6.87
N TRP A 74 5.72 22.43 8.02
CA TRP A 74 4.77 21.67 8.84
C TRP A 74 4.15 22.63 9.85
N ALA A 75 2.94 23.10 9.54
CA ALA A 75 2.28 24.07 10.42
C ALA A 75 1.97 23.46 11.78
N PHE A 76 1.55 22.20 11.81
CA PHE A 76 1.11 21.59 13.05
C PHE A 76 2.28 21.32 13.98
N GLY A 77 1.97 20.74 15.14
CA GLY A 77 2.96 20.53 16.18
C GLY A 77 3.80 19.29 15.95
N ARG A 78 4.81 19.13 16.81
CA ARG A 78 5.74 18.01 16.69
C ARG A 78 5.04 16.68 16.90
N VAL A 79 4.16 16.60 17.91
CA VAL A 79 3.47 15.34 18.19
C VAL A 79 2.59 14.95 17.00
N PHE A 80 1.95 15.93 16.37
CA PHE A 80 1.12 15.64 15.22
C PHE A 80 1.93 15.10 14.04
N CYS A 81 3.12 15.66 13.78
CA CYS A 81 4.02 15.10 12.78
C CYS A 81 4.49 13.71 13.14
N ASN A 82 4.82 13.48 14.41
CA ASN A 82 5.25 12.15 14.83
C ASN A 82 4.18 11.11 14.63
N ILE A 83 2.92 11.42 14.96
CA ILE A 83 1.83 10.50 14.68
C ILE A 83 1.57 10.34 13.19
N TRP A 84 1.67 11.41 12.41
CA TRP A 84 1.47 11.29 10.96
C TRP A 84 2.51 10.38 10.32
N ALA A 85 3.78 10.54 10.68
CA ALA A 85 4.82 9.70 10.10
C ALA A 85 4.60 8.24 10.46
N ALA A 86 4.26 7.96 11.72
CA ALA A 86 3.99 6.59 12.11
C ALA A 86 2.80 6.02 11.36
N VAL A 87 1.74 6.82 11.20
CA VAL A 87 0.57 6.35 10.47
C VAL A 87 0.94 6.02 9.02
N ASP A 88 1.75 6.86 8.39
CA ASP A 88 2.19 6.59 7.03
C ASP A 88 2.97 5.29 6.95
N VAL A 89 3.97 5.15 7.82
CA VAL A 89 4.90 4.04 7.77
C VAL A 89 4.18 2.74 8.09
N LEU A 90 3.12 2.80 8.89
CA LEU A 90 2.36 1.61 9.22
C LEU A 90 1.28 1.30 8.20
N CYS A 91 0.70 2.30 7.53
CA CYS A 91 -0.29 2.02 6.52
C CYS A 91 0.35 1.44 5.27
N CYS A 92 1.50 1.97 4.85
CA CYS A 92 2.20 1.35 3.73
C CYS A 92 2.59 -0.09 4.06
N THR A 93 3.08 -0.32 5.28
CA THR A 93 3.42 -1.67 5.71
C THR A 93 2.20 -2.57 5.72
N ALA A 94 1.06 -2.05 6.18
CA ALA A 94 -0.15 -2.85 6.19
C ALA A 94 -0.57 -3.23 4.77
N SER A 95 -0.45 -2.29 3.83
CA SER A 95 -0.80 -2.60 2.44
C SER A 95 0.11 -3.69 1.88
N ILE A 96 1.41 -3.56 2.10
CA ILE A 96 2.34 -4.56 1.56
C ILE A 96 2.12 -5.92 2.22
N MET A 97 1.82 -5.94 3.52
CA MET A 97 1.56 -7.22 4.18
C MET A 97 0.27 -7.85 3.67
N GLY A 98 -0.77 -7.03 3.45
CA GLY A 98 -1.96 -7.54 2.81
C GLY A 98 -1.65 -8.14 1.46
N LEU A 99 -0.77 -7.49 0.70
CA LEU A 99 -0.36 -8.06 -0.59
C LEU A 99 0.33 -9.40 -0.40
N CYS A 100 1.21 -9.52 0.59
CA CYS A 100 1.95 -10.76 0.73
C CYS A 100 1.10 -11.88 1.30
N ILE A 101 -0.01 -11.57 1.96
CA ILE A 101 -0.92 -12.62 2.41
C ILE A 101 -2.06 -12.82 1.42
N ILE A 102 -2.12 -12.01 0.38
CA ILE A 102 -2.99 -12.31 -0.76
C ILE A 102 -2.20 -13.16 -1.74
N SER A 103 -0.87 -13.00 -1.73
CA SER A 103 0.02 -13.82 -2.53
C SER A 103 0.07 -15.26 -2.06
N ILE A 104 -0.14 -15.52 -0.78
CA ILE A 104 -0.25 -16.87 -0.25
C ILE A 104 -1.65 -17.42 -0.45
N ASP A 105 -2.67 -16.57 -0.32
CA ASP A 105 -4.04 -17.00 -0.58
C ASP A 105 -4.18 -17.48 -2.02
N ARG A 106 -3.67 -16.72 -2.98
CA ARG A 106 -3.76 -17.09 -4.39
C ARG A 106 -2.70 -18.09 -4.82
N TYR A 107 -1.78 -18.47 -3.92
CA TYR A 107 -0.96 -19.64 -4.20
C TYR A 107 -1.65 -20.91 -3.73
N ILE A 108 -2.25 -20.87 -2.54
CA ILE A 108 -3.01 -22.01 -2.04
C ILE A 108 -4.21 -22.28 -2.94
N GLY A 109 -4.91 -21.23 -3.37
CA GLY A 109 -6.08 -21.39 -4.19
C GLY A 109 -5.81 -21.75 -5.63
N VAL A 110 -4.55 -21.74 -6.06
CA VAL A 110 -4.18 -22.19 -7.39
C VAL A 110 -3.54 -23.57 -7.35
N SER A 111 -2.74 -23.86 -6.34
CA SER A 111 -2.13 -25.18 -6.23
C SER A 111 -3.19 -26.25 -5.96
N TYR A 112 -4.20 -25.93 -5.14
CA TYR A 112 -5.25 -26.88 -4.76
C TYR A 112 -6.60 -26.22 -4.97
N PRO A 113 -7.02 -26.07 -6.24
CA PRO A 113 -8.28 -25.36 -6.50
C PRO A 113 -9.49 -25.98 -5.83
N LEU A 114 -9.56 -27.31 -5.77
CA LEU A 114 -10.72 -27.98 -5.22
C LEU A 114 -10.67 -28.05 -3.69
N ARG A 115 -9.51 -28.37 -3.13
CA ARG A 115 -9.36 -28.47 -1.68
C ARG A 115 -9.12 -27.11 -1.03
N TYR A 116 -9.05 -26.04 -1.81
CA TYR A 116 -8.75 -24.72 -1.27
C TYR A 116 -9.61 -24.33 -0.08
N PRO A 117 -10.95 -24.41 -0.15
CA PRO A 117 -11.76 -23.95 0.98
C PRO A 117 -11.51 -24.73 2.26
N THR A 118 -10.71 -25.81 2.17
CA THR A 118 -10.32 -26.57 3.34
C THR A 118 -9.05 -26.04 4.00
N ILE A 119 -8.08 -25.58 3.22
CA ILE A 119 -6.85 -25.07 3.82
C ILE A 119 -7.12 -23.75 4.55
N VAL A 120 -7.88 -22.85 3.92
CA VAL A 120 -8.20 -21.55 4.50
C VAL A 120 -9.71 -21.39 4.51
N THR A 121 -10.25 -20.98 5.65
CA THR A 121 -11.67 -20.72 5.81
C THR A 121 -11.85 -19.34 6.43
N GLN A 122 -13.11 -18.95 6.61
CA GLN A 122 -13.41 -17.66 7.21
C GLN A 122 -12.86 -17.55 8.63
N ARG A 123 -12.54 -18.67 9.27
CA ARG A 123 -11.96 -18.66 10.61
C ARG A 123 -10.44 -18.72 10.59
N ARG A 124 -9.83 -19.28 9.56
CA ARG A 124 -8.38 -19.41 9.47
C ARG A 124 -7.71 -18.22 8.81
N GLY A 125 -8.30 -17.69 7.74
CA GLY A 125 -7.72 -16.53 7.09
C GLY A 125 -7.71 -15.31 7.99
N LEU A 126 -8.73 -15.17 8.84
CA LEU A 126 -8.82 -14.00 9.70
C LEU A 126 -7.72 -13.99 10.75
N MET A 127 -7.31 -15.17 11.23
CA MET A 127 -6.15 -15.20 12.12
C MET A 127 -4.93 -14.62 11.43
N ALA A 128 -4.70 -15.01 10.17
CA ALA A 128 -3.57 -14.47 9.43
C ALA A 128 -3.72 -12.97 9.21
N LEU A 129 -4.95 -12.51 8.95
CA LEU A 129 -5.18 -11.08 8.74
C LEU A 129 -4.81 -10.28 9.99
N LEU A 130 -5.29 -10.74 11.15
CA LEU A 130 -4.95 -10.05 12.39
C LEU A 130 -3.47 -10.15 12.68
N CYS A 131 -2.85 -11.29 12.38
CA CYS A 131 -1.43 -11.46 12.61
C CYS A 131 -0.62 -10.49 11.75
N VAL A 132 -1.02 -10.31 10.49
CA VAL A 132 -0.28 -9.39 9.62
C VAL A 132 -0.50 -7.95 10.06
N TRP A 133 -1.71 -7.61 10.51
CA TRP A 133 -1.91 -6.29 11.09
C TRP A 133 -0.96 -6.06 12.27
N ALA A 134 -0.87 -7.03 13.17
CA ALA A 134 0.01 -6.89 14.33
C ALA A 134 1.47 -6.76 13.90
N LEU A 135 1.87 -7.58 12.93
CA LEU A 135 3.26 -7.53 12.46
C LEU A 135 3.57 -6.18 11.82
N SER A 136 2.64 -5.66 11.01
CA SER A 136 2.83 -4.34 10.43
C SER A 136 2.93 -3.28 11.51
N LEU A 137 2.07 -3.34 12.53
CA LEU A 137 2.11 -2.36 13.60
C LEU A 137 3.45 -2.40 14.33
N VAL A 138 3.93 -3.60 14.67
CA VAL A 138 5.18 -3.72 15.43
C VAL A 138 6.41 -3.40 14.60
N ILE A 139 6.38 -3.66 13.30
CA ILE A 139 7.51 -3.33 12.42
C ILE A 139 7.45 -1.90 11.92
N SER A 140 6.33 -1.20 12.12
CA SER A 140 6.22 0.22 11.81
C SER A 140 6.54 1.10 13.00
N ILE A 141 5.80 0.96 14.09
CA ILE A 141 6.05 1.78 15.27
C ILE A 141 7.42 1.48 15.86
N GLY A 142 7.81 0.21 15.83
CA GLY A 142 9.04 -0.21 16.46
C GLY A 142 10.25 0.57 15.99
N PRO A 143 10.48 0.58 14.68
CA PRO A 143 11.62 1.36 14.16
C PRO A 143 11.54 2.83 14.54
N LEU A 144 10.35 3.42 14.50
CA LEU A 144 10.21 4.81 14.90
C LEU A 144 10.47 4.98 16.39
N PHE A 145 9.80 4.17 17.21
CA PHE A 145 9.97 4.27 18.66
C PHE A 145 11.38 3.90 19.08
N GLY A 146 11.91 2.80 18.56
CA GLY A 146 13.21 2.33 19.00
C GLY A 146 14.35 3.24 18.57
N TRP A 147 14.28 3.77 17.34
CA TRP A 147 15.40 4.45 16.71
C TRP A 147 15.01 5.85 16.25
N ARG A 148 14.34 6.61 17.12
CA ARG A 148 13.99 7.99 16.77
C ARG A 148 15.24 8.85 16.78
N GLN A 149 15.35 9.74 15.79
CA GLN A 149 16.36 10.77 15.81
C GLN A 149 15.89 11.91 16.72
N PRO A 150 16.82 12.69 17.28
CA PRO A 150 16.43 13.71 18.26
C PRO A 150 15.42 14.70 17.69
N ALA A 151 14.51 15.14 18.57
CA ALA A 151 13.44 16.01 18.15
C ALA A 151 13.99 17.37 17.71
N PRO A 152 13.66 17.84 16.50
CA PRO A 152 14.13 19.16 16.09
C PRO A 152 13.53 20.26 16.94
N GLU A 153 14.25 21.37 17.02
CA GLU A 153 13.80 22.52 17.81
C GLU A 153 12.61 23.21 17.15
N ASP A 154 12.62 23.29 15.82
CA ASP A 154 11.57 24.02 15.11
C ASP A 154 10.37 23.12 14.84
N GLU A 155 9.17 23.67 15.04
CA GLU A 155 7.95 22.90 14.78
C GLU A 155 7.65 22.79 13.29
N THR A 156 8.20 23.68 12.46
CA THR A 156 7.94 23.66 11.03
C THR A 156 8.93 22.80 10.26
N ILE A 157 9.92 22.22 10.93
CA ILE A 157 10.90 21.33 10.32
C ILE A 157 10.68 19.96 10.94
N CYS A 158 10.12 19.02 10.18
CA CYS A 158 9.88 17.65 10.63
C CYS A 158 9.99 16.75 9.40
N GLN A 159 11.17 16.17 9.20
CA GLN A 159 11.46 15.34 8.04
C GLN A 159 11.83 13.94 8.49
N ILE A 160 11.99 13.04 7.50
CA ILE A 160 12.23 11.64 7.80
C ILE A 160 13.59 11.45 8.46
N ASN A 161 13.76 10.29 9.08
CA ASN A 161 14.99 9.96 9.78
C ASN A 161 16.13 9.82 8.78
N GLU A 162 17.10 10.73 8.83
CA GLU A 162 18.25 10.65 7.96
C GLU A 162 19.23 9.57 8.41
N GLU A 163 19.08 9.05 9.62
CA GLU A 163 20.03 8.06 10.12
C GLU A 163 19.93 6.78 9.30
N PRO A 164 21.03 6.24 8.79
CA PRO A 164 20.95 4.97 8.06
C PRO A 164 20.48 3.82 8.93
N GLY A 165 20.81 3.85 10.22
CA GLY A 165 20.48 2.72 11.08
C GLY A 165 19.02 2.37 11.06
N TYR A 166 18.14 3.38 11.13
CA TYR A 166 16.70 3.15 11.02
C TYR A 166 16.33 2.76 9.59
N VAL A 167 16.61 3.65 8.64
CA VAL A 167 16.06 3.50 7.28
C VAL A 167 16.37 2.12 6.74
N LEU A 168 17.57 1.60 7.01
CA LEU A 168 17.94 0.30 6.47
C LEU A 168 16.92 -0.77 6.84
N PHE A 169 16.80 -1.09 8.13
CA PHE A 169 15.93 -2.21 8.47
C PHE A 169 14.46 -1.84 8.33
N SER A 170 14.11 -0.56 8.45
CA SER A 170 12.72 -0.18 8.20
C SER A 170 12.32 -0.54 6.77
N ALA A 171 13.13 -0.13 5.79
CA ALA A 171 12.82 -0.48 4.40
C ALA A 171 12.91 -1.99 4.19
N LEU A 172 13.91 -2.65 4.75
CA LEU A 172 14.09 -4.08 4.51
C LEU A 172 12.87 -4.86 5.01
N GLY A 173 12.49 -4.65 6.27
CA GLY A 173 11.37 -5.36 6.84
C GLY A 173 10.01 -4.85 6.42
N SER A 174 9.96 -3.68 5.80
CA SER A 174 8.69 -3.12 5.34
C SER A 174 8.42 -3.40 3.87
N PHE A 175 9.44 -3.42 3.03
CA PHE A 175 9.25 -3.66 1.59
C PHE A 175 9.97 -4.90 1.10
N TYR A 176 11.28 -5.00 1.30
CA TYR A 176 12.05 -6.04 0.63
C TYR A 176 11.68 -7.43 1.15
N LEU A 177 11.69 -7.62 2.47
CA LEU A 177 11.36 -8.94 3.01
C LEU A 177 9.93 -9.34 2.68
N PRO A 178 8.91 -8.50 2.88
CA PRO A 178 7.58 -8.83 2.37
C PRO A 178 7.53 -9.02 0.87
N LEU A 179 8.40 -8.36 0.11
CA LEU A 179 8.41 -8.50 -1.34
C LEU A 179 8.96 -9.83 -1.80
N ALA A 180 9.90 -10.41 -1.06
CA ALA A 180 10.40 -11.73 -1.42
C ALA A 180 9.29 -12.78 -1.32
N ILE A 181 8.49 -12.71 -0.25
CA ILE A 181 7.38 -13.64 -0.07
C ILE A 181 6.30 -13.45 -1.12
N ILE A 182 6.24 -12.29 -1.75
CA ILE A 182 5.34 -12.07 -2.87
C ILE A 182 5.93 -12.60 -4.17
N LEU A 183 7.19 -12.31 -4.46
CA LEU A 183 7.81 -12.76 -5.71
C LEU A 183 7.99 -14.26 -5.77
N VAL A 184 8.11 -14.95 -4.64
CA VAL A 184 8.20 -16.40 -4.66
C VAL A 184 6.83 -17.05 -4.77
N MET A 185 5.84 -16.55 -4.01
CA MET A 185 4.48 -17.06 -4.14
C MET A 185 3.96 -16.87 -5.56
N TYR A 186 4.17 -15.70 -6.15
CA TYR A 186 3.65 -15.49 -7.50
C TYR A 186 4.49 -16.20 -8.55
N CYS A 187 5.79 -16.42 -8.30
CA CYS A 187 6.54 -17.28 -9.19
C CYS A 187 5.94 -18.70 -9.20
N ARG A 188 5.62 -19.22 -8.02
CA ARG A 188 4.98 -20.53 -7.95
C ARG A 188 3.62 -20.51 -8.63
N VAL A 189 2.85 -19.44 -8.44
CA VAL A 189 1.54 -19.35 -9.07
C VAL A 189 1.68 -19.36 -10.58
N TYR A 190 2.63 -18.60 -11.12
CA TYR A 190 2.82 -18.56 -12.57
C TYR A 190 3.25 -19.91 -13.11
N VAL A 191 4.21 -20.56 -12.44
CA VAL A 191 4.67 -21.85 -12.94
C VAL A 191 3.56 -22.89 -12.87
N VAL A 192 2.74 -22.83 -11.81
CA VAL A 192 1.62 -23.75 -11.69
C VAL A 192 0.60 -23.49 -12.79
N ALA A 193 0.31 -22.21 -13.07
CA ALA A 193 -0.65 -21.90 -14.13
C ALA A 193 -0.15 -22.40 -15.48
N LYS A 194 1.15 -22.25 -15.75
CA LYS A 194 1.68 -22.70 -17.02
C LYS A 194 1.67 -24.23 -17.12
N ARG A 195 2.16 -24.92 -16.09
CA ARG A 195 2.25 -26.37 -16.15
C ARG A 195 0.86 -27.01 -16.20
N GLU A 196 -0.08 -26.49 -15.42
CA GLU A 196 -1.45 -27.02 -15.46
C GLU A 196 -2.08 -26.78 -16.82
N LEU A 243 -11.93 -27.73 -12.95
CA LEU A 243 -11.42 -26.80 -13.95
C LEU A 243 -12.09 -25.43 -13.81
N LEU A 244 -13.42 -25.43 -13.67
CA LEU A 244 -14.13 -24.17 -13.49
C LEU A 244 -13.62 -23.43 -12.26
N LYS A 245 -13.49 -24.13 -11.15
CA LYS A 245 -12.89 -23.52 -9.97
C LYS A 245 -11.45 -23.11 -10.25
N PHE A 246 -10.71 -23.94 -10.99
CA PHE A 246 -9.36 -23.57 -11.37
C PHE A 246 -9.34 -22.32 -12.23
N SER A 247 -10.29 -22.20 -13.16
CA SER A 247 -10.35 -21.01 -14.00
C SER A 247 -10.64 -19.77 -13.16
N ARG A 248 -11.58 -19.86 -12.22
CA ARG A 248 -11.87 -18.71 -11.37
C ARG A 248 -10.67 -18.34 -10.51
N GLU A 249 -9.99 -19.34 -9.96
CA GLU A 249 -8.81 -19.08 -9.14
C GLU A 249 -7.72 -18.41 -9.96
N LYS A 250 -7.50 -18.87 -11.19
CA LYS A 250 -6.50 -18.24 -12.04
C LYS A 250 -6.89 -16.82 -12.42
N LYS A 251 -8.18 -16.57 -12.66
CA LYS A 251 -8.61 -15.21 -12.97
C LYS A 251 -8.36 -14.27 -11.79
N ALA A 252 -8.72 -14.71 -10.58
CA ALA A 252 -8.44 -13.92 -9.40
C ALA A 252 -6.94 -13.74 -9.18
N ALA A 253 -6.16 -14.78 -9.42
CA ALA A 253 -4.71 -14.67 -9.30
C ALA A 253 -4.15 -13.64 -10.27
N LYS A 254 -4.67 -13.61 -11.50
CA LYS A 254 -4.21 -12.63 -12.47
C LYS A 254 -4.58 -11.22 -12.04
N THR A 255 -5.80 -11.03 -11.53
CA THR A 255 -6.18 -9.70 -11.06
C THR A 255 -5.28 -9.23 -9.93
N LEU A 256 -5.11 -10.07 -8.92
CA LEU A 256 -4.23 -9.70 -7.82
C LEU A 256 -2.77 -9.58 -8.27
N GLY A 257 -2.37 -10.28 -9.32
CA GLY A 257 -1.04 -10.13 -9.87
C GLY A 257 -0.86 -8.77 -10.50
N ILE A 258 -1.89 -8.29 -11.21
CA ILE A 258 -1.83 -6.92 -11.74
C ILE A 258 -1.71 -5.93 -10.58
N VAL A 259 -2.50 -6.14 -9.53
CA VAL A 259 -2.44 -5.23 -8.38
C VAL A 259 -1.04 -5.24 -7.77
N VAL A 260 -0.49 -6.43 -7.57
CA VAL A 260 0.84 -6.56 -6.97
C VAL A 260 1.90 -5.92 -7.87
N GLY A 261 1.80 -6.13 -9.18
CA GLY A 261 2.77 -5.53 -10.08
C GLY A 261 2.73 -4.02 -10.03
N CYS A 262 1.53 -3.45 -10.07
CA CYS A 262 1.41 -2.00 -9.99
C CYS A 262 2.01 -1.49 -8.70
N PHE A 263 1.64 -2.13 -7.57
CA PHE A 263 2.16 -1.71 -6.28
C PHE A 263 3.68 -1.76 -6.23
N VAL A 264 4.26 -2.89 -6.62
CA VAL A 264 5.71 -3.06 -6.51
C VAL A 264 6.44 -2.11 -7.45
N LEU A 265 5.97 -1.98 -8.69
CA LEU A 265 6.63 -1.07 -9.63
C LEU A 265 6.57 0.36 -9.12
N CYS A 266 5.44 0.76 -8.55
CA CYS A 266 5.30 2.14 -8.09
C CYS A 266 6.16 2.40 -6.87
N TRP A 267 6.25 1.45 -5.94
CA TRP A 267 7.00 1.68 -4.71
C TRP A 267 8.50 1.46 -4.86
N LEU A 268 8.92 0.62 -5.79
CA LEU A 268 10.33 0.27 -5.90
C LEU A 268 11.24 1.49 -6.04
N PRO A 269 10.89 2.53 -6.80
CA PRO A 269 11.79 3.69 -6.89
C PRO A 269 12.17 4.26 -5.52
N PHE A 270 11.19 4.43 -4.63
CA PHE A 270 11.49 5.02 -3.33
C PHE A 270 12.35 4.10 -2.48
N PHE A 271 11.97 2.83 -2.38
CA PHE A 271 12.70 1.89 -1.55
C PHE A 271 14.04 1.51 -2.15
N LEU A 272 14.30 1.90 -3.40
CA LEU A 272 15.61 1.70 -4.00
C LEU A 272 16.48 2.95 -3.97
N VAL A 273 15.87 4.13 -3.91
CA VAL A 273 16.64 5.36 -3.85
C VAL A 273 17.03 5.70 -2.42
N MET A 274 16.08 5.58 -1.48
CA MET A 274 16.38 5.99 -0.11
C MET A 274 17.51 5.17 0.49
N PRO A 275 17.51 3.84 0.43
CA PRO A 275 18.70 3.10 0.91
C PRO A 275 19.96 3.45 0.14
N ILE A 276 19.85 3.70 -1.16
CA ILE A 276 21.01 4.07 -1.95
C ILE A 276 21.56 5.41 -1.47
N GLY A 277 20.69 6.38 -1.23
CA GLY A 277 21.15 7.63 -0.65
C GLY A 277 21.77 7.45 0.71
N SER A 278 21.21 6.54 1.50
CA SER A 278 21.78 6.27 2.83
C SER A 278 23.21 5.75 2.70
N PHE A 279 23.42 4.74 1.85
CA PHE A 279 24.77 4.25 1.61
C PHE A 279 25.60 5.25 0.82
N PHE A 280 25.03 5.80 -0.25
CA PHE A 280 25.77 6.64 -1.18
C PHE A 280 25.33 8.09 -1.06
N PRO A 281 25.79 8.82 -0.03
CA PRO A 281 25.43 10.25 0.05
C PRO A 281 25.89 11.05 -1.14
N ASP A 282 26.96 10.63 -1.81
CA ASP A 282 27.44 11.33 -2.99
C ASP A 282 26.46 11.25 -4.15
N PHE A 283 25.63 10.19 -4.21
CA PHE A 283 24.74 9.96 -5.33
C PHE A 283 23.27 10.22 -4.99
N LYS A 284 23.01 11.04 -3.98
CA LYS A 284 21.62 11.38 -3.67
C LYS A 284 21.04 12.19 -4.82
N PRO A 285 19.86 11.82 -5.35
CA PRO A 285 19.30 12.57 -6.47
C PRO A 285 18.71 13.91 -6.06
N SER A 286 18.14 14.62 -7.03
CA SER A 286 17.57 15.94 -6.76
C SER A 286 16.30 15.80 -5.93
N GLU A 287 15.91 16.91 -5.29
CA GLU A 287 14.69 16.92 -4.50
C GLU A 287 13.47 16.62 -5.37
N THR A 288 13.52 16.98 -6.64
CA THR A 288 12.43 16.64 -7.55
C THR A 288 12.26 15.14 -7.65
N VAL A 289 13.37 14.41 -7.67
CA VAL A 289 13.31 12.95 -7.73
C VAL A 289 12.58 12.41 -6.50
N PHE A 290 12.94 12.91 -5.32
CA PHE A 290 12.28 12.48 -4.10
C PHE A 290 10.79 12.80 -4.14
N LYS A 291 10.44 14.00 -4.58
CA LYS A 291 9.04 14.39 -4.68
C LYS A 291 8.28 13.43 -5.58
N ILE A 292 8.81 13.16 -6.78
CA ILE A 292 8.10 12.35 -7.75
C ILE A 292 7.98 10.91 -7.26
N VAL A 293 9.02 10.38 -6.62
CA VAL A 293 8.97 8.99 -6.16
C VAL A 293 7.96 8.85 -5.02
N PHE A 294 7.96 9.80 -4.08
CA PHE A 294 6.97 9.73 -3.02
C PHE A 294 5.56 9.80 -3.59
N TRP A 295 5.32 10.74 -4.50
CA TRP A 295 3.97 10.85 -5.05
C TRP A 295 3.60 9.65 -5.90
N LEU A 296 4.58 8.99 -6.53
CA LEU A 296 4.26 7.74 -7.20
C LEU A 296 3.84 6.68 -6.19
N GLY A 297 4.55 6.60 -5.06
CA GLY A 297 4.20 5.64 -4.04
C GLY A 297 2.83 5.91 -3.44
N TYR A 298 2.34 7.15 -3.56
CA TYR A 298 0.99 7.45 -3.10
C TYR A 298 -0.06 7.20 -4.19
N LEU A 299 0.20 7.67 -5.40
CA LEU A 299 -0.72 7.42 -6.50
C LEU A 299 -0.88 5.95 -6.80
N ASN A 300 0.04 5.10 -6.37
CA ASN A 300 -0.21 3.66 -6.53
C ASN A 300 -1.43 3.23 -5.73
N SER A 301 -1.50 3.65 -4.46
CA SER A 301 -2.68 3.37 -3.65
C SER A 301 -3.91 4.09 -4.21
N CYS A 302 -3.70 5.29 -4.75
CA CYS A 302 -4.82 5.99 -5.38
C CYS A 302 -5.39 5.19 -6.55
N ILE A 303 -4.51 4.60 -7.36
CA ILE A 303 -4.92 3.85 -8.54
C ILE A 303 -5.57 2.52 -8.15
N ASN A 304 -5.03 1.86 -7.12
CA ASN A 304 -5.38 0.48 -6.79
C ASN A 304 -6.85 0.15 -7.05
N PRO A 305 -7.81 1.00 -6.67
CA PRO A 305 -9.22 0.66 -6.93
C PRO A 305 -9.53 0.42 -8.41
N ILE A 306 -8.87 1.13 -9.33
CA ILE A 306 -9.28 1.07 -10.73
C ILE A 306 -9.02 -0.32 -11.30
N ILE A 307 -8.02 -1.03 -10.77
CA ILE A 307 -7.62 -2.29 -11.37
C ILE A 307 -8.76 -3.30 -11.34
N TYR A 308 -9.51 -3.36 -10.23
CA TYR A 308 -10.52 -4.41 -10.11
C TYR A 308 -11.60 -4.28 -11.19
N PRO A 309 -12.21 -3.11 -11.41
CA PRO A 309 -13.19 -3.02 -12.51
C PRO A 309 -12.62 -3.38 -13.87
N CYS A 310 -11.40 -2.92 -14.17
CA CYS A 310 -10.86 -3.12 -15.50
C CYS A 310 -10.36 -4.54 -15.71
N SER A 311 -9.95 -5.22 -14.64
CA SER A 311 -9.36 -6.55 -14.77
C SER A 311 -10.41 -7.65 -14.62
N SER A 312 -11.09 -7.69 -13.49
CA SER A 312 -12.06 -8.74 -13.20
C SER A 312 -13.46 -8.28 -13.58
N GLN A 313 -14.15 -9.09 -14.38
CA GLN A 313 -15.49 -8.73 -14.82
C GLN A 313 -16.48 -8.75 -13.66
N GLU A 314 -16.28 -9.63 -12.69
CA GLU A 314 -17.16 -9.69 -11.53
C GLU A 314 -17.14 -8.38 -10.77
N PHE A 315 -15.94 -7.85 -10.51
CA PHE A 315 -15.83 -6.56 -9.85
C PHE A 315 -16.42 -5.44 -10.71
N LYS A 316 -16.33 -5.58 -12.03
CA LYS A 316 -16.94 -4.58 -12.90
C LYS A 316 -18.46 -4.55 -12.70
N LYS A 317 -19.09 -5.73 -12.69
CA LYS A 317 -20.53 -5.75 -12.42
C LYS A 317 -20.84 -5.24 -11.02
N ALA A 318 -20.02 -5.58 -10.04
CA ALA A 318 -20.27 -5.10 -8.68
C ALA A 318 -20.21 -3.58 -8.63
N PHE A 319 -19.21 -2.98 -9.25
CA PHE A 319 -19.09 -1.53 -9.28
C PHE A 319 -20.26 -0.90 -10.01
N GLN A 320 -20.67 -1.48 -11.15
CA GLN A 320 -21.80 -0.93 -11.87
C GLN A 320 -23.06 -0.97 -11.03
N ASN A 321 -23.30 -2.09 -10.34
CA ASN A 321 -24.47 -2.19 -9.48
C ASN A 321 -24.43 -1.18 -8.35
N VAL A 322 -23.26 -1.02 -7.71
CA VAL A 322 -23.15 -0.08 -6.61
C VAL A 322 -23.40 1.34 -7.09
N LEU A 323 -22.83 1.70 -8.24
CA LEU A 323 -23.06 3.03 -8.79
C LEU A 323 -24.54 3.23 -9.12
#